data_7K5T
#
_entry.id   7K5T
#
_cell.length_a   86.631
_cell.length_b   93.589
_cell.length_c   105.471
_cell.angle_alpha   90.000
_cell.angle_beta   90.000
_cell.angle_gamma   90.000
#
_symmetry.space_group_name_H-M   'P 21 21 21'
#
loop_
_entity.id
_entity.type
_entity.pdbx_description
1 polymer "DNA (5'-D(P*CP*GP*AP*TP*CP*AP*CP*GP*TP*A)-3')"
2 polymer "DNA (5'-D(P*CP*GP*TP*AP*CP*GP*TP*GP*AP*TP*CP*GP*C)-3')"
3 polymer 'DNA polymerase I'
4 non-polymer 'SULFATE ION'
5 non-polymer "2'-DEOXYCYTIDINE-5'-TRIPHOSPHATE"
6 water water
#
loop_
_entity_poly.entity_id
_entity_poly.type
_entity_poly.pdbx_seq_one_letter_code
_entity_poly.pdbx_strand_id
1 'polydeoxyribonucleotide' (DG)(DC)(DG)(DA)(DT)(DC)(DA)(DC)(DG)(DT)(DA) P
2 'polydeoxyribonucleotide' (DG)(DA)(DC)(DG)(DT)(DA)(DC)(DG)(DT)(DG)(DA)(DT)(DC)(DG)(DC)(DA) T
3 'polypeptide(L)'
;AKMAFTLADRVTEEMLADKAALVVEVVEENYHDAPIVGIAVVNEHGRFFLRPETALADPQFVAWLGDETKKKSMFDSKRA
AVALKWKGIELCGVSFDLLLAAYLLDPAQGVDDVAAAAKMKQYEAVRPDEAVYGKGAKRAVPDEPVLAEHLVRKAAAIWA
LERPFLDELRRNEQDRLLVELEQPLSSILAEMEFAGVKVDTKRLEQMGEELAEQLRTVEQRIYELAGQEFNINSPKQLGV
ILFEKLQLPVLKKTKTGYSTSADVLEKLAPYHEIVENILHYRQLGKLQSTYIEGLLKVVRPDTKKVHTIFNQALTQTGRL
SSTEPNLQNIPIRLEEGRKIRQAFVPSESDWLIFAADYSQIELRVLAHIAEDDNLMEAFRRDLDIHTKTAMDIFQVSEDE
VTPNMRRQAKAVNFGIVYGISDYGLAQNLNISRKEAAEFIERYFESFPGVKRYMENIVQEAKQKGYVTTLLHRRRYLPDI
TSRNFNVRSFAERMAMNTPIQGSAADIIKKAMIDLNARLKEERLQARLLLQVHDELILEAPKEEMERLCRLVPEVMEQAV
TLRVPLKVDYHYGSTWYDAK
;
A
#
loop_
_chem_comp.id
_chem_comp.type
_chem_comp.name
_chem_comp.formula
DA DNA linking 2'-DEOXYADENOSINE-5'-MONOPHOSPHATE 'C10 H14 N5 O6 P'
DC DNA linking 2'-DEOXYCYTIDINE-5'-MONOPHOSPHATE 'C9 H14 N3 O7 P'
DCP non-polymer 2'-DEOXYCYTIDINE-5'-TRIPHOSPHATE 'C9 H16 N3 O13 P3'
DG DNA linking 2'-DEOXYGUANOSINE-5'-MONOPHOSPHATE 'C10 H14 N5 O7 P'
DT DNA linking THYMIDINE-5'-MONOPHOSPHATE 'C10 H15 N2 O8 P'
SO4 non-polymer 'SULFATE ION' 'O4 S -2'
#
# COMPACT_ATOMS: atom_id res chain seq x y z
N ALA C 4 -24.68 3.28 -30.71
CA ALA C 4 -25.48 2.19 -31.27
C ALA C 4 -25.08 0.84 -30.70
N PHE C 5 -25.97 0.22 -29.94
CA PHE C 5 -25.62 -1.06 -29.30
C PHE C 5 -26.85 -1.94 -29.16
N THR C 6 -26.58 -3.23 -29.10
CA THR C 6 -27.60 -4.24 -28.86
C THR C 6 -27.81 -4.44 -27.36
N LEU C 7 -29.02 -4.18 -26.90
CA LEU C 7 -29.41 -4.56 -25.54
C LEU C 7 -29.91 -5.99 -25.62
N ALA C 8 -29.03 -6.94 -25.34
CA ALA C 8 -29.31 -8.35 -25.61
C ALA C 8 -30.18 -8.97 -24.53
N ASP C 9 -31.13 -9.79 -24.95
CA ASP C 9 -31.94 -10.62 -24.07
C ASP C 9 -31.34 -12.00 -23.88
N ARG C 10 -30.48 -12.42 -24.79
CA ARG C 10 -29.87 -13.73 -24.78
C ARG C 10 -28.40 -13.58 -25.17
N VAL C 11 -27.57 -14.52 -24.70
CA VAL C 11 -26.19 -14.60 -25.13
C VAL C 11 -26.14 -15.26 -26.50
N THR C 12 -25.45 -14.63 -27.44
CA THR C 12 -25.26 -15.20 -28.76
C THR C 12 -23.78 -15.49 -28.99
N GLU C 13 -23.49 -16.30 -30.00
CA GLU C 13 -22.11 -16.70 -30.23
C GLU C 13 -21.24 -15.52 -30.66
N GLU C 14 -21.82 -14.54 -31.33
CA GLU C 14 -21.01 -13.41 -31.79
C GLU C 14 -20.47 -12.57 -30.63
N MET C 15 -21.07 -12.67 -29.45
CA MET C 15 -20.50 -12.03 -28.27
C MET C 15 -19.29 -12.76 -27.70
N LEU C 16 -19.01 -13.99 -28.14
CA LEU C 16 -17.94 -14.80 -27.56
C LEU C 16 -16.74 -14.93 -28.52
N ALA C 17 -16.45 -13.84 -29.24
CA ALA C 17 -15.19 -13.66 -29.96
C ALA C 17 -14.00 -13.82 -29.01
N ASP C 18 -12.81 -14.07 -29.56
CA ASP C 18 -11.65 -14.34 -28.73
C ASP C 18 -10.83 -13.09 -28.48
N LYS C 19 -11.37 -11.91 -28.81
CA LYS C 19 -10.81 -10.62 -28.44
C LYS C 19 -11.98 -9.67 -28.18
N ALA C 20 -12.08 -9.17 -26.95
CA ALA C 20 -13.19 -8.27 -26.63
C ALA C 20 -12.79 -7.31 -25.52
N ALA C 21 -13.34 -6.10 -25.59
CA ALA C 21 -13.38 -5.24 -24.41
C ALA C 21 -14.56 -5.69 -23.57
N LEU C 22 -14.34 -5.86 -22.27
CA LEU C 22 -15.36 -6.38 -21.38
C LEU C 22 -15.52 -5.47 -20.17
N VAL C 23 -16.77 -5.24 -19.78
CA VAL C 23 -17.09 -4.48 -18.57
C VAL C 23 -18.03 -5.31 -17.72
N VAL C 24 -17.61 -5.62 -16.51
CA VAL C 24 -18.40 -6.34 -15.54
C VAL C 24 -18.54 -5.36 -14.38
N GLU C 25 -19.67 -4.67 -14.31
CA GLU C 25 -19.75 -3.46 -13.51
C GLU C 25 -20.14 -3.81 -12.08
N VAL C 26 -19.29 -3.40 -11.14
CA VAL C 26 -19.54 -3.51 -9.72
C VAL C 26 -19.48 -2.10 -9.19
N VAL C 27 -20.61 -1.59 -8.71
CA VAL C 27 -20.70 -0.18 -8.35
C VAL C 27 -20.38 0.06 -6.89
N GLU C 28 -20.65 -0.93 -6.03
CA GLU C 28 -20.28 -0.81 -4.62
C GLU C 28 -18.77 -0.65 -4.49
N GLU C 29 -18.36 0.30 -3.65
CA GLU C 29 -16.94 0.58 -3.50
C GLU C 29 -16.19 -0.65 -2.99
N ASN C 30 -16.72 -1.31 -1.96
CA ASN C 30 -16.15 -2.58 -1.53
C ASN C 30 -16.77 -3.68 -2.39
N TYR C 31 -15.99 -4.22 -3.33
CA TYR C 31 -16.57 -5.16 -4.28
C TYR C 31 -16.70 -6.60 -3.75
N HIS C 32 -16.30 -6.89 -2.52
CA HIS C 32 -16.38 -8.25 -1.99
C HIS C 32 -17.83 -8.66 -1.80
N ASP C 33 -18.24 -9.75 -2.47
CA ASP C 33 -19.59 -10.31 -2.37
C ASP C 33 -20.65 -9.27 -2.75
N ALA C 34 -20.31 -8.44 -3.73
CA ALA C 34 -21.08 -7.28 -4.13
C ALA C 34 -21.79 -7.54 -5.45
N PRO C 35 -22.90 -6.85 -5.72
CA PRO C 35 -23.68 -7.15 -6.92
C PRO C 35 -22.95 -6.71 -8.18
N ILE C 36 -23.16 -7.50 -9.23
CA ILE C 36 -22.81 -7.11 -10.58
C ILE C 36 -24.08 -6.53 -11.20
N VAL C 37 -24.03 -5.26 -11.61
CA VAL C 37 -25.23 -4.57 -12.06
C VAL C 37 -25.41 -4.60 -13.57
N GLY C 38 -24.37 -4.88 -14.34
CA GLY C 38 -24.56 -5.08 -15.77
C GLY C 38 -23.26 -5.48 -16.43
N ILE C 39 -23.38 -5.90 -17.69
CA ILE C 39 -22.23 -6.39 -18.44
C ILE C 39 -22.30 -5.82 -19.85
N ALA C 40 -21.18 -5.29 -20.32
CA ALA C 40 -21.07 -4.86 -21.70
C ALA C 40 -19.88 -5.55 -22.33
N VAL C 41 -20.07 -6.01 -23.56
CA VAL C 41 -19.03 -6.60 -24.37
C VAL C 41 -18.93 -5.80 -25.66
N VAL C 42 -17.72 -5.39 -26.03
CA VAL C 42 -17.48 -4.81 -27.34
C VAL C 42 -16.45 -5.67 -28.05
N ASN C 43 -16.74 -6.05 -29.29
CA ASN C 43 -15.77 -6.81 -30.07
C ASN C 43 -15.98 -6.48 -31.55
N GLU C 44 -15.36 -7.31 -32.40
CA GLU C 44 -15.39 -7.11 -33.85
C GLU C 44 -16.79 -7.19 -34.42
N HIS C 45 -17.73 -7.86 -33.74
CA HIS C 45 -19.06 -8.10 -34.27
C HIS C 45 -20.08 -7.11 -33.77
N GLY C 46 -19.76 -6.29 -32.78
CA GLY C 46 -20.66 -5.26 -32.33
C GLY C 46 -20.46 -4.97 -30.86
N ARG C 47 -21.44 -4.29 -30.29
CA ARG C 47 -21.43 -3.84 -28.91
C ARG C 47 -22.69 -4.34 -28.23
N PHE C 48 -22.52 -4.93 -27.06
CA PHE C 48 -23.61 -5.64 -26.40
C PHE C 48 -23.68 -5.22 -24.94
N PHE C 49 -24.91 -5.00 -24.47
CA PHE C 49 -25.20 -4.91 -23.06
C PHE C 49 -25.94 -6.19 -22.66
N LEU C 50 -25.48 -6.83 -21.60
CA LEU C 50 -26.10 -8.05 -21.10
C LEU C 50 -26.53 -7.84 -19.66
N ARG C 51 -27.70 -8.34 -19.33
CA ARG C 51 -28.05 -8.33 -17.93
C ARG C 51 -27.31 -9.45 -17.21
N PRO C 52 -26.78 -9.19 -16.01
CA PRO C 52 -25.97 -10.22 -15.34
C PRO C 52 -26.77 -11.45 -14.96
N GLU C 53 -28.04 -11.28 -14.56
CA GLU C 53 -28.86 -12.46 -14.26
C GLU C 53 -29.03 -13.35 -15.49
N THR C 54 -28.92 -12.78 -16.68
CA THR C 54 -28.91 -13.59 -17.90
C THR C 54 -27.52 -14.18 -18.15
N ALA C 55 -26.52 -13.32 -18.32
CA ALA C 55 -25.22 -13.76 -18.79
C ALA C 55 -24.55 -14.71 -17.80
N LEU C 56 -24.62 -14.40 -16.50
CA LEU C 56 -23.89 -15.20 -15.54
C LEU C 56 -24.54 -16.55 -15.29
N ALA C 57 -25.76 -16.77 -15.79
CA ALA C 57 -26.41 -18.07 -15.77
C ALA C 57 -26.26 -18.82 -17.08
N ASP C 58 -25.71 -18.19 -18.11
CA ASP C 58 -25.51 -18.84 -19.39
C ASP C 58 -24.21 -19.62 -19.38
N PRO C 59 -24.25 -20.95 -19.53
CA PRO C 59 -22.99 -21.71 -19.52
C PRO C 59 -22.00 -21.28 -20.58
N GLN C 60 -22.43 -20.88 -21.77
CA GLN C 60 -21.45 -20.48 -22.79
C GLN C 60 -20.73 -19.20 -22.39
N PHE C 61 -21.45 -18.25 -21.79
CA PHE C 61 -20.84 -17.00 -21.38
C PHE C 61 -19.83 -17.23 -20.26
N VAL C 62 -20.25 -17.97 -19.22
CA VAL C 62 -19.36 -18.31 -18.12
C VAL C 62 -18.12 -19.04 -18.64
N ALA C 63 -18.31 -20.01 -19.54
CA ALA C 63 -17.16 -20.70 -20.12
C ALA C 63 -16.26 -19.72 -20.90
N TRP C 64 -16.86 -18.75 -21.57
CA TRP C 64 -16.06 -17.74 -22.25
C TRP C 64 -15.28 -16.87 -21.25
N LEU C 65 -15.92 -16.49 -20.16
CA LEU C 65 -15.24 -15.76 -19.09
C LEU C 65 -13.99 -16.52 -18.63
N GLY C 66 -14.14 -17.83 -18.42
CA GLY C 66 -13.08 -18.66 -17.86
C GLY C 66 -12.05 -19.16 -18.84
N ASP C 67 -12.19 -18.86 -20.11
CA ASP C 67 -11.30 -19.39 -21.15
C ASP C 67 -10.11 -18.45 -21.30
N GLU C 68 -8.94 -18.94 -20.92
CA GLU C 68 -7.70 -18.18 -21.02
C GLU C 68 -7.45 -17.70 -22.44
N THR C 69 -7.86 -18.47 -23.44
CA THR C 69 -7.54 -18.10 -24.81
C THR C 69 -8.49 -17.06 -25.38
N LYS C 70 -9.51 -16.67 -24.62
CA LYS C 70 -10.44 -15.62 -25.01
C LYS C 70 -9.96 -14.32 -24.36
N LYS C 71 -9.27 -13.49 -25.14
CA LYS C 71 -8.57 -12.34 -24.58
C LYS C 71 -9.53 -11.19 -24.31
N LYS C 72 -9.49 -10.69 -23.08
CA LYS C 72 -10.34 -9.58 -22.68
C LYS C 72 -9.47 -8.37 -22.34
N SER C 73 -10.01 -7.20 -22.63
CA SER C 73 -9.44 -5.92 -22.22
C SER C 73 -10.42 -5.24 -21.28
N MET C 74 -9.92 -4.80 -20.13
CA MET C 74 -10.80 -4.30 -19.08
C MET C 74 -10.19 -3.08 -18.44
N PHE C 75 -10.96 -2.51 -17.52
CA PHE C 75 -10.51 -1.47 -16.59
C PHE C 75 -10.78 -1.98 -15.19
N ASP C 76 -9.73 -2.04 -14.36
CA ASP C 76 -9.80 -2.58 -13.00
C ASP C 76 -10.38 -4.01 -13.00
N SER C 77 -9.69 -4.90 -13.72
CA SER C 77 -10.14 -6.29 -13.80
C SER C 77 -10.19 -6.96 -12.43
N LYS C 78 -9.35 -6.54 -11.48
CA LYS C 78 -9.37 -7.18 -10.15
C LYS C 78 -10.73 -7.04 -9.47
N ARG C 79 -11.36 -5.87 -9.60
CA ARG C 79 -12.69 -5.68 -9.05
C ARG C 79 -13.68 -6.67 -9.66
N ALA C 80 -13.59 -6.92 -10.97
CA ALA C 80 -14.52 -7.83 -11.60
C ALA C 80 -14.20 -9.28 -11.24
N ALA C 81 -12.91 -9.61 -11.17
CA ALA C 81 -12.50 -10.98 -10.87
C ALA C 81 -12.96 -11.41 -9.48
N VAL C 82 -12.71 -10.55 -8.48
CA VAL C 82 -13.11 -10.87 -7.11
C VAL C 82 -14.63 -11.00 -7.04
N ALA C 83 -15.35 -10.03 -7.61
CA ALA C 83 -16.81 -10.07 -7.57
C ALA C 83 -17.35 -11.37 -8.17
N LEU C 84 -16.73 -11.83 -9.27
CA LEU C 84 -17.14 -13.09 -9.88
C LEU C 84 -16.74 -14.30 -9.04
N LYS C 85 -15.57 -14.23 -8.38
CA LYS C 85 -15.16 -15.30 -7.48
C LYS C 85 -16.22 -15.54 -6.41
N TRP C 86 -16.77 -14.46 -5.85
CA TRP C 86 -17.79 -14.63 -4.82
C TRP C 86 -19.03 -15.31 -5.38
N LYS C 87 -19.21 -15.31 -6.70
CA LYS C 87 -20.29 -16.08 -7.34
C LYS C 87 -19.78 -17.38 -7.95
N GLY C 88 -18.61 -17.86 -7.54
CA GLY C 88 -18.11 -19.10 -8.10
C GLY C 88 -17.80 -19.07 -9.59
N ILE C 89 -17.31 -17.93 -10.10
CA ILE C 89 -17.02 -17.79 -11.51
C ILE C 89 -15.60 -17.26 -11.68
N GLU C 90 -14.80 -17.95 -12.49
CA GLU C 90 -13.44 -17.54 -12.79
C GLU C 90 -13.40 -16.59 -13.99
N LEU C 91 -12.62 -15.54 -13.85
CA LEU C 91 -12.32 -14.64 -14.96
C LEU C 91 -10.91 -14.95 -15.45
N CYS C 92 -10.78 -15.30 -16.72
CA CYS C 92 -9.47 -15.62 -17.27
C CYS C 92 -9.23 -14.84 -18.55
N GLY C 93 -7.97 -14.84 -18.99
CA GLY C 93 -7.58 -14.24 -20.24
C GLY C 93 -7.57 -12.73 -20.30
N VAL C 94 -7.51 -12.04 -19.16
CA VAL C 94 -7.42 -10.59 -19.21
C VAL C 94 -6.02 -10.20 -19.64
N SER C 95 -5.88 -9.77 -20.90
CA SER C 95 -4.58 -9.46 -21.47
C SER C 95 -4.23 -7.98 -21.39
N PHE C 96 -5.18 -7.12 -21.05
CA PHE C 96 -4.91 -5.70 -20.98
C PHE C 96 -5.84 -5.08 -19.94
N ASP C 97 -5.25 -4.39 -18.96
CA ASP C 97 -6.00 -3.67 -17.94
C ASP C 97 -5.71 -2.18 -18.09
N LEU C 98 -6.72 -1.42 -18.49
CA LEU C 98 -6.54 0.01 -18.78
C LEU C 98 -6.16 0.80 -17.54
N LEU C 99 -6.71 0.43 -16.37
CA LEU C 99 -6.36 1.13 -15.14
C LEU C 99 -4.88 0.98 -14.82
N LEU C 100 -4.35 -0.23 -14.94
CA LEU C 100 -2.94 -0.44 -14.65
C LEU C 100 -2.06 0.19 -15.72
N ALA C 101 -2.52 0.19 -16.98
CA ALA C 101 -1.78 0.90 -18.03
C ALA C 101 -1.67 2.38 -17.70
N ALA C 102 -2.78 3.00 -17.31
CA ALA C 102 -2.76 4.44 -17.07
C ALA C 102 -1.92 4.78 -15.86
N TYR C 103 -1.95 3.91 -14.86
CA TYR C 103 -1.17 4.09 -13.65
C TYR C 103 0.33 4.03 -13.92
N LEU C 104 0.77 3.11 -14.78
CA LEU C 104 2.20 3.04 -15.09
C LEU C 104 2.64 4.26 -15.89
N LEU C 105 1.78 4.73 -16.81
CA LEU C 105 2.15 5.84 -17.68
C LEU C 105 2.34 7.13 -16.88
N ASP C 106 1.49 7.36 -15.89
CA ASP C 106 1.64 8.52 -15.02
C ASP C 106 0.85 8.33 -13.73
N PRO C 107 1.51 7.90 -12.66
CA PRO C 107 0.78 7.65 -11.40
C PRO C 107 0.13 8.89 -10.82
N ALA C 108 0.66 10.08 -11.12
CA ALA C 108 0.14 11.30 -10.52
C ALA C 108 -1.22 11.69 -11.06
N GLN C 109 -1.67 11.12 -12.19
CA GLN C 109 -2.96 11.51 -12.76
C GLN C 109 -4.14 11.12 -11.87
N GLY C 110 -3.97 10.17 -10.96
CA GLY C 110 -5.07 9.73 -10.14
C GLY C 110 -6.19 9.03 -10.90
N VAL C 111 -5.86 8.34 -12.00
CA VAL C 111 -6.85 7.70 -12.86
C VAL C 111 -7.64 6.66 -12.07
N ASP C 112 -8.93 6.92 -11.88
CA ASP C 112 -9.81 6.06 -11.08
C ASP C 112 -11.10 5.70 -11.80
N ASP C 113 -11.31 6.17 -13.03
CA ASP C 113 -12.37 5.63 -13.84
C ASP C 113 -11.89 5.65 -15.29
N VAL C 114 -12.66 4.95 -16.13
CA VAL C 114 -12.36 4.90 -17.56
C VAL C 114 -12.26 6.31 -18.14
N ALA C 115 -13.13 7.22 -17.70
CA ALA C 115 -13.15 8.54 -18.35
C ALA C 115 -11.85 9.30 -18.08
N ALA C 116 -11.32 9.22 -16.86
CA ALA C 116 -10.05 9.90 -16.57
C ALA C 116 -8.93 9.30 -17.42
N ALA C 117 -8.92 7.98 -17.58
CA ALA C 117 -7.91 7.37 -18.44
C ALA C 117 -8.12 7.78 -19.90
N ALA C 118 -9.37 7.85 -20.33
CA ALA C 118 -9.65 8.24 -21.71
C ALA C 118 -9.20 9.66 -21.98
N LYS C 119 -9.32 10.55 -20.99
CA LYS C 119 -8.87 11.93 -21.16
C LYS C 119 -7.40 12.00 -21.55
N MET C 120 -6.57 11.09 -21.03
CA MET C 120 -5.14 11.12 -21.33
C MET C 120 -4.86 10.97 -22.83
N LYS C 121 -5.80 10.38 -23.58
CA LYS C 121 -5.65 10.23 -25.03
C LYS C 121 -6.69 11.03 -25.81
N GLN C 122 -7.23 12.09 -25.20
CA GLN C 122 -8.14 13.01 -25.91
C GLN C 122 -9.40 12.30 -26.38
N TYR C 123 -9.80 11.27 -25.64
CA TYR C 123 -11.03 10.53 -25.85
C TYR C 123 -12.01 10.96 -24.76
N GLU C 124 -13.15 11.53 -25.15
CA GLU C 124 -14.09 12.06 -24.17
C GLU C 124 -15.53 11.61 -24.38
N ALA C 125 -15.78 10.58 -25.19
CA ALA C 125 -17.12 10.05 -25.41
C ALA C 125 -17.52 9.01 -24.34
N VAL C 126 -17.17 9.26 -23.09
CA VAL C 126 -17.61 8.43 -21.99
C VAL C 126 -17.74 9.34 -20.77
N ARG C 127 -18.76 9.09 -19.95
CA ARG C 127 -18.91 9.93 -18.78
C ARG C 127 -18.11 9.38 -17.58
N PRO C 128 -17.66 10.25 -16.68
CA PRO C 128 -17.08 9.76 -15.43
C PRO C 128 -18.13 9.01 -14.62
N ASP C 129 -17.68 8.01 -13.86
CA ASP C 129 -18.61 7.20 -13.09
C ASP C 129 -19.39 8.05 -12.09
N GLU C 130 -18.74 9.03 -11.48
CA GLU C 130 -19.42 9.92 -10.54
C GLU C 130 -20.59 10.66 -11.20
N ALA C 131 -20.43 11.11 -12.45
CA ALA C 131 -21.56 11.74 -13.12
C ALA C 131 -22.72 10.78 -13.35
N VAL C 132 -22.44 9.48 -13.41
CA VAL C 132 -23.50 8.51 -13.70
C VAL C 132 -24.15 7.98 -12.43
N TYR C 133 -23.36 7.71 -11.41
CA TYR C 133 -23.88 7.09 -10.20
C TYR C 133 -24.15 8.08 -9.09
N GLY C 134 -23.62 9.29 -9.18
CA GLY C 134 -23.68 10.22 -8.07
C GLY C 134 -22.58 9.97 -7.06
N LYS C 135 -22.59 10.77 -6.01
CA LYS C 135 -21.59 10.68 -4.96
C LYS C 135 -22.28 10.61 -3.61
N GLY C 136 -21.73 9.78 -2.72
CA GLY C 136 -22.08 9.84 -1.31
C GLY C 136 -23.51 9.40 -1.05
N ALA C 137 -24.31 10.32 -0.50
CA ALA C 137 -25.70 10.00 -0.18
C ALA C 137 -26.52 9.72 -1.44
N LYS C 138 -26.35 10.53 -2.48
CA LYS C 138 -27.13 10.42 -3.70
C LYS C 138 -26.69 9.27 -4.60
N ARG C 139 -25.74 8.44 -4.17
CA ARG C 139 -25.21 7.40 -5.03
C ARG C 139 -26.28 6.34 -5.31
N ALA C 140 -26.51 6.06 -6.59
CA ALA C 140 -27.54 5.10 -7.00
C ALA C 140 -27.26 4.59 -8.40
N VAL C 141 -27.82 3.41 -8.69
CA VAL C 141 -27.73 2.82 -10.02
C VAL C 141 -28.89 3.36 -10.85
N PRO C 142 -28.64 3.91 -12.03
CA PRO C 142 -29.73 4.42 -12.86
C PRO C 142 -30.48 3.26 -13.52
N ASP C 143 -31.56 3.62 -14.21
CA ASP C 143 -32.33 2.58 -14.89
C ASP C 143 -31.54 2.07 -16.10
N GLU C 144 -31.99 0.92 -16.60
CA GLU C 144 -31.26 0.18 -17.64
C GLU C 144 -30.86 1.01 -18.85
N PRO C 145 -31.71 1.87 -19.45
CA PRO C 145 -31.24 2.64 -20.61
C PRO C 145 -30.03 3.52 -20.29
N VAL C 146 -30.08 4.26 -19.19
CA VAL C 146 -28.91 5.05 -18.81
C VAL C 146 -27.75 4.14 -18.42
N LEU C 147 -28.03 3.06 -17.70
CA LEU C 147 -26.95 2.19 -17.25
C LEU C 147 -26.28 1.51 -18.44
N ALA C 148 -27.09 1.01 -19.39
CA ALA C 148 -26.57 0.24 -20.51
C ALA C 148 -25.66 1.08 -21.38
N GLU C 149 -26.04 2.35 -21.58
CA GLU C 149 -25.23 3.22 -22.42
C GLU C 149 -23.88 3.50 -21.78
N HIS C 150 -23.88 3.82 -20.49
CA HIS C 150 -22.62 4.09 -19.82
C HIS C 150 -21.68 2.88 -19.91
N LEU C 151 -22.22 1.67 -19.70
CA LEU C 151 -21.37 0.48 -19.73
C LEU C 151 -20.81 0.24 -21.13
N VAL C 152 -21.63 0.42 -22.18
CA VAL C 152 -21.15 0.23 -23.55
C VAL C 152 -20.10 1.28 -23.92
N ARG C 153 -20.32 2.53 -23.49
CA ARG C 153 -19.32 3.58 -23.75
C ARG C 153 -18.01 3.30 -23.04
N LYS C 154 -18.05 2.73 -21.83
CA LYS C 154 -16.80 2.37 -21.18
C LYS C 154 -16.10 1.25 -21.94
N ALA C 155 -16.85 0.24 -22.36
CA ALA C 155 -16.27 -0.84 -23.16
C ALA C 155 -15.73 -0.32 -24.49
N ALA C 156 -16.49 0.57 -25.16
CA ALA C 156 -16.00 1.17 -26.40
C ALA C 156 -14.73 1.96 -26.16
N ALA C 157 -14.67 2.73 -25.05
CA ALA C 157 -13.45 3.45 -24.72
C ALA C 157 -12.29 2.48 -24.53
N ILE C 158 -12.52 1.39 -23.79
CA ILE C 158 -11.44 0.42 -23.59
C ILE C 158 -11.00 -0.16 -24.92
N TRP C 159 -11.97 -0.49 -25.78
CA TRP C 159 -11.67 -0.99 -27.12
C TRP C 159 -10.79 -0.02 -27.89
N ALA C 160 -11.18 1.26 -27.94
CA ALA C 160 -10.42 2.25 -28.71
C ALA C 160 -9.05 2.53 -28.09
N LEU C 161 -8.93 2.49 -26.78
CA LEU C 161 -7.74 3.01 -26.12
C LEU C 161 -6.62 2.00 -25.89
N GLU C 162 -6.85 0.69 -26.08
CA GLU C 162 -5.81 -0.28 -25.77
C GLU C 162 -4.54 -0.02 -26.57
N ARG C 163 -4.67 0.21 -27.88
CA ARG C 163 -3.49 0.35 -28.73
C ARG C 163 -2.72 1.63 -28.45
N PRO C 164 -3.35 2.80 -28.30
CA PRO C 164 -2.55 3.97 -27.87
C PRO C 164 -1.85 3.78 -26.52
N PHE C 165 -2.53 3.17 -25.54
CA PHE C 165 -1.88 2.98 -24.25
C PHE C 165 -0.69 2.01 -24.37
N LEU C 166 -0.86 0.91 -25.11
CA LEU C 166 0.26 -0.03 -25.28
C LEU C 166 1.42 0.61 -26.04
N ASP C 167 1.12 1.42 -27.06
CA ASP C 167 2.16 2.12 -27.81
C ASP C 167 3.00 3.00 -26.90
N GLU C 168 2.35 3.76 -26.01
CA GLU C 168 3.11 4.62 -25.13
C GLU C 168 3.88 3.79 -24.09
N LEU C 169 3.28 2.71 -23.57
CA LEU C 169 4.02 1.83 -22.67
C LEU C 169 5.28 1.30 -23.36
N ARG C 170 5.18 0.90 -24.62
CA ARG C 170 6.36 0.36 -25.31
C ARG C 170 7.41 1.43 -25.53
N ARG C 171 6.99 2.65 -25.84
CA ARG C 171 7.93 3.75 -26.00
C ARG C 171 8.70 4.04 -24.71
N ASN C 172 8.01 3.95 -23.57
CA ASN C 172 8.63 4.10 -22.26
C ASN C 172 9.36 2.84 -21.80
N GLU C 173 9.36 1.77 -22.58
CA GLU C 173 9.94 0.49 -22.15
C GLU C 173 9.27 -0.02 -20.88
N GLN C 174 7.94 0.05 -20.86
CA GLN C 174 7.12 -0.37 -19.74
C GLN C 174 6.08 -1.42 -20.12
N ASP C 175 6.10 -1.89 -21.37
CA ASP C 175 5.16 -2.94 -21.79
C ASP C 175 5.33 -4.21 -20.97
N ARG C 176 6.59 -4.66 -20.77
CA ARG C 176 6.83 -5.83 -19.93
C ARG C 176 6.46 -5.56 -18.48
N LEU C 177 6.69 -4.33 -17.99
CA LEU C 177 6.26 -4.04 -16.62
C LEU C 177 4.77 -4.28 -16.45
N LEU C 178 3.96 -3.89 -17.44
CA LEU C 178 2.52 -4.13 -17.35
C LEU C 178 2.19 -5.61 -17.55
N VAL C 179 2.70 -6.20 -18.63
CA VAL C 179 2.23 -7.52 -19.02
C VAL C 179 2.81 -8.59 -18.10
N GLU C 180 4.03 -8.43 -17.61
CA GLU C 180 4.69 -9.46 -16.84
C GLU C 180 4.74 -9.22 -15.35
N LEU C 181 4.51 -7.99 -14.86
CA LEU C 181 4.49 -7.73 -13.42
C LEU C 181 3.09 -7.35 -12.94
N GLU C 182 2.59 -6.16 -13.33
CA GLU C 182 1.39 -5.62 -12.68
C GLU C 182 0.15 -6.47 -12.96
N GLN C 183 -0.03 -6.93 -14.20
CA GLN C 183 -1.23 -7.70 -14.49
C GLN C 183 -1.18 -9.08 -13.84
N PRO C 184 -0.09 -9.85 -13.94
CA PRO C 184 -0.03 -11.10 -13.15
C PRO C 184 -0.19 -10.85 -11.66
N LEU C 185 0.39 -9.76 -11.14
CA LEU C 185 0.22 -9.47 -9.72
C LEU C 185 -1.24 -9.25 -9.36
N SER C 186 -2.00 -8.67 -10.29
CA SER C 186 -3.39 -8.35 -10.03
C SER C 186 -4.21 -9.60 -9.78
N SER C 187 -3.93 -10.67 -10.54
CA SER C 187 -4.54 -11.98 -10.26
C SER C 187 -4.15 -12.48 -8.88
N ILE C 188 -2.87 -12.35 -8.52
CA ILE C 188 -2.39 -12.84 -7.21
C ILE C 188 -3.05 -12.07 -6.08
N LEU C 189 -3.20 -10.75 -6.25
CA LEU C 189 -3.87 -9.95 -5.23
C LEU C 189 -5.36 -10.30 -5.12
N ALA C 190 -6.00 -10.56 -6.26
CA ALA C 190 -7.40 -10.98 -6.24
C ALA C 190 -7.60 -12.25 -5.43
N GLU C 191 -6.70 -13.23 -5.59
CA GLU C 191 -6.80 -14.45 -4.80
C GLU C 191 -6.59 -14.17 -3.33
N MET C 192 -5.63 -13.29 -3.00
CA MET C 192 -5.33 -13.01 -1.60
C MET C 192 -6.51 -12.30 -0.94
N GLU C 193 -7.11 -11.34 -1.66
CA GLU C 193 -8.27 -10.63 -1.14
C GLU C 193 -9.42 -11.60 -0.91
N PHE C 194 -9.68 -12.48 -1.88
CA PHE C 194 -10.78 -13.43 -1.78
C PHE C 194 -10.56 -14.39 -0.61
N ALA C 195 -9.35 -14.95 -0.48
CA ALA C 195 -9.05 -15.84 0.64
C ALA C 195 -9.27 -15.14 1.98
N GLY C 196 -8.81 -13.90 2.12
CA GLY C 196 -8.99 -13.16 3.36
C GLY C 196 -8.12 -13.71 4.49
N VAL C 197 -8.28 -13.10 5.68
CA VAL C 197 -7.50 -13.44 6.86
C VAL C 197 -8.45 -13.69 8.01
N LYS C 198 -8.31 -14.85 8.65
CA LYS C 198 -9.16 -15.18 9.77
C LYS C 198 -8.83 -14.30 10.96
N VAL C 199 -9.87 -13.88 11.68
CA VAL C 199 -9.74 -12.97 12.80
C VAL C 199 -10.43 -13.60 13.98
N ASP C 200 -9.76 -13.59 15.12
CA ASP C 200 -10.31 -14.13 16.36
C ASP C 200 -11.06 -12.99 17.02
N THR C 201 -12.34 -12.86 16.68
CA THR C 201 -13.11 -11.70 17.14
C THR C 201 -13.25 -11.70 18.65
N LYS C 202 -13.27 -12.89 19.25
CA LYS C 202 -13.42 -12.99 20.69
C LYS C 202 -12.20 -12.43 21.41
N ARG C 203 -11.01 -12.57 20.81
CA ARG C 203 -9.81 -12.00 21.41
C ARG C 203 -9.80 -10.49 21.24
N LEU C 204 -10.20 -9.99 20.07
CA LEU C 204 -10.37 -8.54 19.88
C LEU C 204 -11.38 -7.97 20.86
N GLU C 205 -12.47 -8.69 21.10
CA GLU C 205 -13.47 -8.18 22.02
C GLU C 205 -12.98 -8.19 23.45
N GLN C 206 -12.16 -9.17 23.82
CA GLN C 206 -11.62 -9.18 25.17
C GLN C 206 -10.58 -8.08 25.34
N MET C 207 -9.79 -7.78 24.31
CA MET C 207 -8.90 -6.63 24.36
C MET C 207 -9.70 -5.34 24.51
N GLY C 208 -10.81 -5.24 23.79
CA GLY C 208 -11.63 -4.04 23.87
C GLY C 208 -12.16 -3.80 25.27
N GLU C 209 -12.62 -4.85 25.95
CA GLU C 209 -13.10 -4.68 27.31
C GLU C 209 -11.97 -4.29 28.26
N GLU C 210 -10.77 -4.79 27.99
CA GLU C 210 -9.60 -4.37 28.75
C GLU C 210 -9.30 -2.90 28.50
N LEU C 211 -9.26 -2.48 27.24
CA LEU C 211 -9.03 -1.08 26.93
C LEU C 211 -10.13 -0.20 27.51
N ALA C 212 -11.39 -0.65 27.42
CA ALA C 212 -12.51 0.17 27.89
C ALA C 212 -12.46 0.41 29.38
N GLU C 213 -11.87 -0.52 30.14
CA GLU C 213 -11.71 -0.30 31.57
C GLU C 213 -10.54 0.63 31.86
N GLN C 214 -9.42 0.46 31.15
CA GLN C 214 -8.28 1.32 31.38
C GLN C 214 -8.56 2.74 30.90
N LEU C 215 -9.27 2.89 29.78
CA LEU C 215 -9.65 4.22 29.32
C LEU C 215 -10.55 4.90 30.32
N ARG C 216 -11.56 4.19 30.84
CA ARG C 216 -12.44 4.77 31.84
C ARG C 216 -11.67 5.24 33.07
N THR C 217 -10.60 4.55 33.44
CA THR C 217 -9.79 4.96 34.59
C THR C 217 -8.98 6.21 34.28
N VAL C 218 -8.28 6.22 33.14
CA VAL C 218 -7.45 7.36 32.79
C VAL C 218 -8.31 8.60 32.54
N GLU C 219 -9.47 8.41 31.91
CA GLU C 219 -10.35 9.54 31.59
C GLU C 219 -10.88 10.19 32.86
N GLN C 220 -11.25 9.37 33.86
CA GLN C 220 -11.65 9.93 35.15
C GLN C 220 -10.48 10.66 35.82
N ARG C 221 -9.28 10.09 35.70
CA ARG C 221 -8.10 10.76 36.23
C ARG C 221 -7.93 12.13 35.58
N ILE C 222 -8.09 12.20 34.25
CA ILE C 222 -7.85 13.45 33.54
C ILE C 222 -8.86 14.52 33.97
N TYR C 223 -10.11 14.12 34.26
CA TYR C 223 -11.11 15.12 34.64
C TYR C 223 -10.81 15.72 35.99
N GLU C 224 -10.31 14.91 36.93
CA GLU C 224 -9.95 15.46 38.23
C GLU C 224 -8.74 16.39 38.12
N LEU C 225 -7.79 16.05 37.25
CA LEU C 225 -6.62 16.92 37.06
C LEU C 225 -6.99 18.22 36.34
N ALA C 226 -7.98 18.17 35.45
CA ALA C 226 -8.51 19.39 34.87
C ALA C 226 -9.52 20.08 35.77
N GLY C 227 -9.92 19.43 36.86
CA GLY C 227 -10.96 19.97 37.73
C GLY C 227 -12.27 20.22 37.02
N GLN C 228 -12.54 19.48 35.94
CA GLN C 228 -13.67 19.74 35.06
C GLN C 228 -13.76 18.67 33.97
N GLU C 229 -14.97 18.33 33.56
CA GLU C 229 -15.16 17.37 32.48
C GLU C 229 -15.19 18.09 31.13
N PHE C 230 -14.75 17.38 30.09
CA PHE C 230 -14.67 17.93 28.74
C PHE C 230 -14.43 16.76 27.79
N ASN C 231 -14.46 17.05 26.49
CA ASN C 231 -14.27 16.00 25.48
C ASN C 231 -12.77 15.91 25.17
N ILE C 232 -12.12 14.92 25.78
CA ILE C 232 -10.68 14.75 25.62
C ILE C 232 -10.30 14.50 24.16
N ASN C 233 -11.23 13.94 23.38
CA ASN C 233 -10.96 13.68 21.97
C ASN C 233 -11.09 14.91 21.09
N SER C 234 -11.53 16.04 21.65
CA SER C 234 -11.62 17.26 20.88
C SER C 234 -10.30 18.00 21.05
N PRO C 235 -9.44 18.07 20.03
CA PRO C 235 -8.17 18.79 20.19
C PRO C 235 -8.35 20.25 20.63
N LYS C 236 -9.44 20.91 20.19
CA LYS C 236 -9.61 22.30 20.57
C LYS C 236 -10.08 22.45 22.01
N GLN C 237 -10.97 21.57 22.47
CA GLN C 237 -11.33 21.60 23.89
C GLN C 237 -10.12 21.32 24.76
N LEU C 238 -9.40 20.23 24.44
CA LEU C 238 -8.18 19.87 25.15
C LEU C 238 -7.17 21.01 25.15
N GLY C 239 -7.09 21.76 24.06
CA GLY C 239 -6.20 22.90 24.01
C GLY C 239 -6.63 24.03 24.92
N VAL C 240 -7.94 24.18 25.12
CA VAL C 240 -8.40 25.16 26.10
C VAL C 240 -7.98 24.73 27.51
N ILE C 241 -8.09 23.43 27.82
CA ILE C 241 -7.70 22.95 29.14
C ILE C 241 -6.21 23.17 29.37
N LEU C 242 -5.38 22.78 28.40
CA LEU C 242 -3.94 22.79 28.60
C LEU C 242 -3.38 24.20 28.58
N PHE C 243 -3.68 24.96 27.52
CA PHE C 243 -3.01 26.22 27.25
C PHE C 243 -3.74 27.43 27.79
N GLU C 244 -4.98 27.27 28.25
CA GLU C 244 -5.73 28.39 28.81
C GLU C 244 -5.93 28.24 30.31
N LYS C 245 -6.54 27.12 30.74
CA LYS C 245 -6.80 26.93 32.16
C LYS C 245 -5.52 26.55 32.91
N LEU C 246 -4.69 25.69 32.32
CA LEU C 246 -3.49 25.23 32.97
C LEU C 246 -2.26 26.07 32.61
N GLN C 247 -2.39 27.02 31.69
CA GLN C 247 -1.32 27.96 31.35
C GLN C 247 -0.06 27.24 30.90
N LEU C 248 -0.20 26.05 30.34
CA LEU C 248 0.97 25.34 29.86
C LEU C 248 1.57 26.12 28.70
N PRO C 249 2.90 26.14 28.57
CA PRO C 249 3.51 26.90 27.47
C PRO C 249 3.07 26.38 26.12
N VAL C 250 2.88 27.29 25.18
CA VAL C 250 2.46 26.95 23.83
C VAL C 250 3.73 26.80 22.99
N LEU C 251 4.12 25.55 22.73
CA LEU C 251 5.34 25.27 22.00
C LEU C 251 5.14 25.19 20.49
N LYS C 252 3.90 25.02 20.04
CA LYS C 252 3.64 24.83 18.62
C LYS C 252 2.18 25.14 18.36
N LYS C 253 1.93 25.93 17.32
CA LYS C 253 0.60 26.36 16.93
C LYS C 253 0.25 25.72 15.59
N THR C 254 -0.94 25.12 15.50
CA THR C 254 -1.42 24.69 14.19
C THR C 254 -2.04 25.89 13.47
N LYS C 255 -2.49 25.67 12.23
CA LYS C 255 -3.17 26.74 11.50
C LYS C 255 -4.51 27.08 12.15
N THR C 256 -5.19 26.08 12.72
CA THR C 256 -6.45 26.33 13.41
C THR C 256 -6.22 26.99 14.77
N GLY C 257 -5.28 26.47 15.57
CA GLY C 257 -5.04 26.96 16.92
C GLY C 257 -3.77 26.42 17.54
N TYR C 258 -3.87 25.78 18.72
CA TYR C 258 -2.71 25.20 19.38
C TYR C 258 -2.55 23.73 19.01
N SER C 259 -1.31 23.32 18.78
CA SER C 259 -0.99 21.91 18.56
C SER C 259 -1.09 21.13 19.87
N THR C 260 -1.72 19.96 19.81
CA THR C 260 -1.73 19.01 20.91
C THR C 260 -1.20 17.65 20.48
N SER C 261 -0.31 17.64 19.49
CA SER C 261 0.29 16.40 19.02
C SER C 261 1.12 15.75 20.12
N ALA C 262 1.33 14.43 19.98
CA ALA C 262 2.07 13.68 20.98
C ALA C 262 3.43 14.30 21.27
N ASP C 263 4.16 14.69 20.23
CA ASP C 263 5.52 15.21 20.43
C ASP C 263 5.54 16.56 21.16
N VAL C 264 4.52 17.40 20.97
CA VAL C 264 4.43 18.61 21.78
C VAL C 264 4.14 18.26 23.23
N LEU C 265 3.23 17.30 23.44
CA LEU C 265 2.79 16.96 24.79
C LEU C 265 3.90 16.34 25.62
N GLU C 266 4.79 15.56 24.99
CA GLU C 266 5.89 14.99 25.77
C GLU C 266 6.85 16.07 26.27
N LYS C 267 6.94 17.21 25.58
CA LYS C 267 7.75 18.31 26.09
C LYS C 267 7.02 19.12 27.16
N LEU C 268 5.71 18.97 27.28
CA LEU C 268 4.93 19.63 28.32
C LEU C 268 4.75 18.77 29.55
N ALA C 269 5.12 17.49 29.48
CA ALA C 269 4.93 16.57 30.61
C ALA C 269 5.48 17.07 31.93
N PRO C 270 6.69 17.64 32.02
CA PRO C 270 7.19 18.08 33.35
C PRO C 270 6.32 19.12 34.01
N TYR C 271 5.52 19.86 33.25
CA TYR C 271 4.80 20.99 33.86
C TYR C 271 3.56 20.57 34.62
N HIS C 272 2.98 19.41 34.31
CA HIS C 272 1.70 19.06 34.90
C HIS C 272 1.40 17.58 34.67
N GLU C 273 0.83 16.93 35.69
CA GLU C 273 0.53 15.51 35.64
C GLU C 273 -0.60 15.19 34.65
N ILE C 274 -1.36 16.18 34.19
CA ILE C 274 -2.40 15.86 33.23
C ILE C 274 -1.81 15.36 31.91
N VAL C 275 -0.57 15.77 31.59
CA VAL C 275 -0.03 15.51 30.26
C VAL C 275 0.22 14.03 30.06
N GLU C 276 0.94 13.40 31.00
CA GLU C 276 1.21 11.96 30.93
C GLU C 276 -0.09 11.18 30.70
N ASN C 277 -1.17 11.61 31.37
CA ASN C 277 -2.44 10.89 31.26
C ASN C 277 -3.10 11.14 29.91
N ILE C 278 -2.99 12.35 29.36
CA ILE C 278 -3.53 12.60 28.03
C ILE C 278 -2.80 11.75 27.00
N LEU C 279 -1.47 11.67 27.09
CA LEU C 279 -0.71 10.80 26.21
C LEU C 279 -1.19 9.37 26.30
N HIS C 280 -1.39 8.87 27.52
CA HIS C 280 -1.81 7.48 27.72
C HIS C 280 -3.25 7.28 27.26
N TYR C 281 -4.09 8.29 27.43
CA TYR C 281 -5.43 8.22 26.86
C TYR C 281 -5.38 8.19 25.35
N ARG C 282 -4.41 8.89 24.75
CA ARG C 282 -4.35 8.93 23.29
C ARG C 282 -3.93 7.58 22.72
N GLN C 283 -2.89 6.96 23.29
CA GLN C 283 -2.47 5.65 22.78
C GLN C 283 -3.56 4.60 22.98
N LEU C 284 -4.23 4.63 24.14
CA LEU C 284 -5.26 3.64 24.41
C LEU C 284 -6.48 3.86 23.52
N GLY C 285 -6.91 5.11 23.36
CA GLY C 285 -8.08 5.35 22.54
C GLY C 285 -7.84 5.15 21.06
N LYS C 286 -6.59 5.31 20.63
CA LYS C 286 -6.25 5.00 19.24
C LYS C 286 -6.46 3.52 18.97
N LEU C 287 -5.93 2.67 19.85
CA LEU C 287 -6.15 1.23 19.72
C LEU C 287 -7.63 0.89 19.77
N GLN C 288 -8.35 1.43 20.77
CA GLN C 288 -9.76 1.12 20.93
C GLN C 288 -10.56 1.53 19.71
N SER C 289 -10.47 2.81 19.34
CA SER C 289 -11.28 3.29 18.22
C SER C 289 -10.75 2.78 16.90
N THR C 290 -9.44 2.87 16.67
CA THR C 290 -9.03 2.56 15.31
C THR C 290 -8.85 1.07 15.09
N TYR C 291 -8.32 0.34 16.06
CA TYR C 291 -7.92 -1.03 15.77
C TYR C 291 -8.83 -2.10 16.35
N ILE C 292 -9.46 -1.88 17.48
CA ILE C 292 -10.42 -2.85 17.99
C ILE C 292 -11.75 -2.66 17.28
N GLU C 293 -12.42 -1.53 17.53
CA GLU C 293 -13.72 -1.32 16.90
C GLU C 293 -13.60 -1.16 15.40
N GLY C 294 -12.47 -0.64 14.92
CA GLY C 294 -12.25 -0.56 13.49
C GLY C 294 -12.23 -1.92 12.82
N LEU C 295 -11.40 -2.84 13.34
CA LEU C 295 -11.30 -4.17 12.74
C LEU C 295 -12.60 -4.94 12.88
N LEU C 296 -13.21 -4.90 14.08
CA LEU C 296 -14.47 -5.61 14.27
C LEU C 296 -15.52 -5.18 13.25
N LYS C 297 -15.50 -3.91 12.83
CA LYS C 297 -16.51 -3.42 11.88
C LYS C 297 -16.40 -4.07 10.50
N VAL C 298 -15.21 -4.51 10.10
CA VAL C 298 -15.02 -5.02 8.76
C VAL C 298 -14.73 -6.53 8.74
N VAL C 299 -14.87 -7.21 9.87
CA VAL C 299 -14.87 -8.67 9.85
C VAL C 299 -16.19 -9.15 9.25
N ARG C 300 -16.12 -9.95 8.19
CA ARG C 300 -17.35 -10.50 7.62
C ARG C 300 -17.91 -11.54 8.57
N PRO C 301 -19.11 -11.40 9.08
CA PRO C 301 -19.59 -12.38 10.07
C PRO C 301 -19.82 -13.76 9.46
N ASP C 302 -20.06 -13.85 8.15
CA ASP C 302 -20.21 -15.16 7.52
C ASP C 302 -18.90 -15.93 7.59
N THR C 303 -17.81 -15.31 7.14
CA THR C 303 -16.50 -15.97 7.12
C THR C 303 -15.68 -15.72 8.39
N LYS C 304 -16.10 -14.79 9.24
CA LYS C 304 -15.28 -14.25 10.32
C LYS C 304 -13.85 -13.95 9.84
N LYS C 305 -13.75 -13.45 8.63
CA LYS C 305 -12.50 -12.98 8.06
C LYS C 305 -12.61 -11.51 7.67
N VAL C 306 -11.44 -10.88 7.54
CA VAL C 306 -11.30 -9.59 6.86
C VAL C 306 -10.83 -9.87 5.44
N HIS C 307 -11.44 -9.20 4.47
CA HIS C 307 -11.08 -9.29 3.05
C HIS C 307 -10.69 -7.88 2.61
N THR C 308 -9.41 -7.55 2.75
CA THR C 308 -8.94 -6.24 2.36
C THR C 308 -9.08 -6.06 0.85
N ILE C 309 -9.06 -4.81 0.42
CA ILE C 309 -8.91 -4.48 -0.99
C ILE C 309 -7.55 -3.84 -1.12
N PHE C 310 -6.68 -4.44 -1.92
CA PHE C 310 -5.40 -3.83 -2.27
C PHE C 310 -5.60 -2.82 -3.40
N ASN C 311 -5.21 -1.57 -3.19
CA ASN C 311 -5.19 -0.62 -4.28
C ASN C 311 -3.81 -0.67 -4.94
N GLN C 312 -3.78 -1.20 -6.15
CA GLN C 312 -2.56 -1.38 -6.93
C GLN C 312 -2.21 -0.15 -7.77
N ALA C 313 -3.11 0.81 -7.88
CA ALA C 313 -2.92 1.91 -8.83
C ALA C 313 -3.13 3.23 -8.13
N LEU C 314 -2.52 3.39 -6.97
CA LEU C 314 -2.72 4.57 -6.13
C LEU C 314 -1.41 5.29 -5.84
N THR C 315 -0.43 4.64 -5.21
CA THR C 315 0.76 5.35 -4.76
C THR C 315 1.64 5.78 -5.93
N GLN C 316 2.38 6.86 -5.71
CA GLN C 316 3.28 7.40 -6.71
C GLN C 316 4.64 6.70 -6.72
N THR C 317 4.87 5.78 -5.78
CA THR C 317 6.12 5.03 -5.73
C THR C 317 6.00 3.62 -6.30
N GLY C 318 4.79 3.12 -6.48
CA GLY C 318 4.60 1.72 -6.83
C GLY C 318 4.30 0.82 -5.66
N ARG C 319 4.27 1.37 -4.44
CA ARG C 319 3.85 0.55 -3.32
C ARG C 319 2.37 0.24 -3.42
N LEU C 320 2.01 -0.94 -2.95
CA LEU C 320 0.62 -1.31 -2.74
C LEU C 320 0.01 -0.48 -1.63
N SER C 321 -1.28 -0.27 -1.72
CA SER C 321 -2.04 0.29 -0.63
C SER C 321 -3.17 -0.68 -0.33
N SER C 322 -3.81 -0.53 0.82
CA SER C 322 -4.85 -1.48 1.19
C SER C 322 -5.87 -0.81 2.07
N THR C 323 -7.12 -1.27 1.96
CA THR C 323 -8.23 -0.63 2.66
C THR C 323 -9.23 -1.68 3.14
N GLU C 324 -9.93 -1.33 4.19
CA GLU C 324 -11.14 -2.03 4.64
C GLU C 324 -10.89 -3.51 4.91
N PRO C 325 -10.00 -3.85 5.85
CA PRO C 325 -9.19 -2.90 6.63
C PRO C 325 -7.86 -2.54 5.97
N ASN C 326 -7.25 -1.46 6.44
CA ASN C 326 -5.85 -1.20 6.14
C ASN C 326 -5.00 -2.05 7.08
N LEU C 327 -4.39 -3.11 6.55
CA LEU C 327 -3.56 -3.99 7.36
C LEU C 327 -2.10 -3.60 7.33
N GLN C 328 -1.74 -2.57 6.57
CA GLN C 328 -0.37 -2.10 6.49
C GLN C 328 -0.03 -1.08 7.57
N ASN C 329 -0.96 -0.81 8.47
CA ASN C 329 -0.64 -0.01 9.65
C ASN C 329 -1.14 -0.67 10.92
N ILE C 330 -0.96 -1.98 11.03
CA ILE C 330 -1.33 -2.75 12.21
C ILE C 330 -0.19 -2.67 13.21
N PRO C 331 -0.47 -2.25 14.46
CA PRO C 331 0.61 -1.91 15.41
C PRO C 331 1.66 -3.00 15.61
N ILE C 332 2.92 -2.55 15.75
CA ILE C 332 4.06 -3.45 15.91
C ILE C 332 5.10 -2.86 16.86
N ARG C 333 5.30 -1.54 16.81
CA ARG C 333 6.43 -0.93 17.52
C ARG C 333 6.22 -0.99 19.03
N LEU C 334 5.06 -0.57 19.50
CA LEU C 334 4.72 -0.58 20.91
C LEU C 334 4.05 -1.91 21.24
N GLU C 335 4.41 -2.49 22.39
CA GLU C 335 3.96 -3.85 22.72
C GLU C 335 2.46 -3.90 22.95
N GLU C 336 1.91 -2.90 23.65
CA GLU C 336 0.48 -2.89 23.92
C GLU C 336 -0.33 -2.99 22.62
N GLY C 337 0.16 -2.34 21.57
CA GLY C 337 -0.49 -2.34 20.28
C GLY C 337 -0.11 -3.53 19.43
N ARG C 338 1.14 -4.00 19.57
CA ARG C 338 1.61 -5.16 18.82
C ARG C 338 0.69 -6.36 19.03
N LYS C 339 0.15 -6.49 20.25
CA LYS C 339 -0.70 -7.62 20.60
C LYS C 339 -1.97 -7.68 19.76
N ILE C 340 -2.26 -6.63 18.98
CA ILE C 340 -3.38 -6.66 18.05
C ILE C 340 -3.21 -7.80 17.06
N ARG C 341 -1.97 -8.09 16.67
CA ARG C 341 -1.69 -9.12 15.69
C ARG C 341 -2.07 -10.51 16.17
N GLN C 342 -2.20 -10.70 17.48
CA GLN C 342 -2.72 -11.95 18.02
C GLN C 342 -4.13 -12.25 17.50
N ALA C 343 -4.85 -11.22 17.06
CA ALA C 343 -6.19 -11.42 16.55
C ALA C 343 -6.21 -12.06 15.18
N PHE C 344 -5.07 -12.12 14.49
CA PHE C 344 -5.01 -12.66 13.14
C PHE C 344 -4.47 -14.09 13.20
N VAL C 345 -5.33 -15.05 12.88
CA VAL C 345 -5.04 -16.46 13.08
C VAL C 345 -5.14 -17.20 11.75
N PRO C 346 -4.67 -18.44 11.66
CA PRO C 346 -4.91 -19.24 10.45
C PRO C 346 -6.39 -19.54 10.27
N SER C 347 -6.78 -19.74 9.02
CA SER C 347 -8.18 -19.95 8.69
C SER C 347 -8.61 -21.40 8.83
N GLU C 348 -7.69 -22.30 9.19
CA GLU C 348 -8.00 -23.70 9.37
C GLU C 348 -7.19 -24.26 10.53
N SER C 349 -7.80 -25.17 11.28
CA SER C 349 -7.08 -25.84 12.36
C SER C 349 -5.88 -26.58 11.79
N ASP C 350 -4.82 -26.64 12.60
CA ASP C 350 -3.54 -27.26 12.23
C ASP C 350 -2.79 -26.48 11.15
N TRP C 351 -3.16 -25.24 10.89
CA TRP C 351 -2.38 -24.38 10.03
C TRP C 351 -1.66 -23.36 10.90
N LEU C 352 -0.64 -22.74 10.33
CA LEU C 352 0.10 -21.71 11.03
C LEU C 352 0.27 -20.49 10.13
N ILE C 353 0.63 -19.37 10.74
CA ILE C 353 0.98 -18.15 10.02
C ILE C 353 2.49 -18.15 9.76
N PHE C 354 2.88 -17.88 8.52
CA PHE C 354 4.28 -17.74 8.13
C PHE C 354 4.48 -16.34 7.58
N ALA C 355 5.43 -15.58 8.15
CA ALA C 355 5.75 -14.23 7.73
C ALA C 355 7.22 -14.15 7.40
N ALA C 356 7.54 -13.60 6.23
CA ALA C 356 8.93 -13.36 5.87
C ALA C 356 9.07 -11.90 5.46
N ASP C 357 10.21 -11.28 5.81
CA ASP C 357 10.36 -9.86 5.54
C ASP C 357 11.78 -9.54 5.07
N TYR C 358 11.88 -8.61 4.14
CA TYR C 358 13.19 -8.14 3.70
C TYR C 358 13.81 -7.30 4.81
N SER C 359 15.08 -7.58 5.07
CA SER C 359 15.89 -6.82 6.01
C SER C 359 16.58 -5.66 5.27
N GLN C 360 16.16 -4.44 5.56
CA GLN C 360 16.76 -3.21 5.01
C GLN C 360 16.80 -3.20 3.48
N ILE C 361 15.68 -3.58 2.85
CA ILE C 361 15.72 -3.66 1.39
C ILE C 361 15.97 -2.29 0.76
N GLU C 362 15.45 -1.23 1.36
CA GLU C 362 15.61 0.09 0.75
C GLU C 362 17.09 0.50 0.73
N LEU C 363 17.79 0.38 1.87
CA LEU C 363 19.19 0.78 1.89
C LEU C 363 20.04 -0.11 1.00
N ARG C 364 19.67 -1.39 0.88
CA ARG C 364 20.35 -2.29 -0.03
C ARG C 364 20.13 -1.88 -1.47
N VAL C 365 18.89 -1.46 -1.80
CA VAL C 365 18.66 -0.89 -3.12
C VAL C 365 19.51 0.33 -3.32
N LEU C 366 19.58 1.20 -2.30
CA LEU C 366 20.45 2.39 -2.42
C LEU C 366 21.89 1.99 -2.67
N ALA C 367 22.40 1.04 -1.87
CA ALA C 367 23.79 0.62 -2.06
C ALA C 367 24.03 0.20 -3.49
N HIS C 368 23.07 -0.50 -4.07
CA HIS C 368 23.22 -1.00 -5.43
C HIS C 368 23.07 0.11 -6.46
N ILE C 369 22.08 0.99 -6.28
CA ILE C 369 21.85 2.07 -7.24
C ILE C 369 23.03 3.03 -7.25
N ALA C 370 23.47 3.47 -6.08
CA ALA C 370 24.57 4.43 -5.94
C ALA C 370 25.94 3.80 -6.13
N GLU C 371 26.06 2.47 -6.04
CA GLU C 371 27.35 1.78 -6.09
C GLU C 371 28.35 2.38 -5.10
N ASP C 372 27.85 2.75 -3.92
CA ASP C 372 28.71 3.25 -2.87
C ASP C 372 29.52 2.11 -2.28
N ASP C 373 30.84 2.19 -2.42
CA ASP C 373 31.70 1.09 -1.99
C ASP C 373 31.56 0.82 -0.49
N ASN C 374 31.46 1.88 0.32
CA ASN C 374 31.30 1.68 1.75
C ASN C 374 29.98 1.00 2.06
N LEU C 375 28.88 1.51 1.48
CA LEU C 375 27.57 0.95 1.78
C LEU C 375 27.42 -0.48 1.26
N MET C 376 28.03 -0.79 0.10
CA MET C 376 27.96 -2.14 -0.43
C MET C 376 28.76 -3.12 0.44
N GLU C 377 29.94 -2.69 0.90
CA GLU C 377 30.75 -3.51 1.80
C GLU C 377 30.02 -3.77 3.12
N ALA C 378 29.33 -2.76 3.65
CA ALA C 378 28.57 -2.98 4.88
C ALA C 378 27.56 -4.11 4.71
N PHE C 379 26.86 -4.16 3.57
CA PHE C 379 25.84 -5.21 3.43
C PHE C 379 26.45 -6.55 3.03
N ARG C 380 27.53 -6.54 2.26
CA ARG C 380 28.24 -7.76 1.96
C ARG C 380 28.80 -8.41 3.22
N ARG C 381 29.05 -7.64 4.27
CA ARG C 381 29.45 -8.14 5.57
C ARG C 381 28.26 -8.40 6.49
N ASP C 382 27.04 -8.27 5.99
CA ASP C 382 25.83 -8.36 6.80
C ASP C 382 25.93 -7.62 8.13
N LEU C 383 26.51 -6.42 8.12
CA LEU C 383 26.64 -5.65 9.35
C LEU C 383 25.28 -5.13 9.81
N ASP C 384 25.21 -4.70 11.07
CA ASP C 384 24.14 -3.81 11.52
C ASP C 384 24.36 -2.45 10.87
N ILE C 385 23.45 -2.06 9.98
CA ILE C 385 23.74 -0.90 9.15
C ILE C 385 23.72 0.38 9.98
N HIS C 386 22.90 0.43 11.03
CA HIS C 386 22.85 1.62 11.88
C HIS C 386 24.11 1.74 12.72
N THR C 387 24.60 0.63 13.25
CA THR C 387 25.83 0.68 14.02
C THR C 387 27.00 1.06 13.12
N LYS C 388 27.07 0.45 11.94
CA LYS C 388 28.15 0.79 11.02
C LYS C 388 28.07 2.25 10.59
N THR C 389 26.86 2.78 10.38
CA THR C 389 26.73 4.18 10.01
C THR C 389 27.15 5.09 11.16
N ALA C 390 26.81 4.72 12.40
CA ALA C 390 27.29 5.48 13.55
C ALA C 390 28.82 5.43 13.64
N MET C 391 29.41 4.26 13.38
CA MET C 391 30.87 4.16 13.42
C MET C 391 31.51 5.14 12.45
N ASP C 392 30.98 5.20 11.23
CA ASP C 392 31.55 6.04 10.19
C ASP C 392 31.30 7.52 10.47
N ILE C 393 30.07 7.88 10.83
CA ILE C 393 29.74 9.29 11.02
C ILE C 393 30.55 9.86 12.17
N PHE C 394 30.62 9.13 13.27
CA PHE C 394 31.31 9.59 14.46
C PHE C 394 32.77 9.17 14.48
N GLN C 395 33.24 8.42 13.48
CA GLN C 395 34.65 8.05 13.37
C GLN C 395 35.13 7.38 14.64
N VAL C 396 34.41 6.35 15.07
CA VAL C 396 34.77 5.55 16.25
C VAL C 396 34.65 4.07 15.91
N SER C 397 35.13 3.24 16.83
CA SER C 397 35.04 1.80 16.67
C SER C 397 33.71 1.30 17.20
N GLU C 398 33.38 0.06 16.82
CA GLU C 398 32.13 -0.56 17.23
C GLU C 398 31.96 -0.57 18.74
N ASP C 399 33.06 -0.71 19.48
CA ASP C 399 33.00 -0.69 20.94
C ASP C 399 32.57 0.65 21.48
N GLU C 400 32.85 1.73 20.75
CA GLU C 400 32.59 3.08 21.21
C GLU C 400 31.27 3.65 20.73
N VAL C 401 30.44 2.87 20.03
CA VAL C 401 29.14 3.38 19.61
C VAL C 401 28.17 3.26 20.78
N THR C 402 27.70 4.40 21.26
CA THR C 402 26.69 4.43 22.30
C THR C 402 25.31 4.20 21.68
N PRO C 403 24.30 3.90 22.50
CA PRO C 403 22.95 3.77 21.94
C PRO C 403 22.45 5.04 21.26
N ASN C 404 22.80 6.20 21.83
CA ASN C 404 22.36 7.45 21.22
C ASN C 404 23.04 7.69 19.86
N MET C 405 24.34 7.41 19.76
CA MET C 405 25.00 7.52 18.46
C MET C 405 24.31 6.62 17.44
N ARG C 406 23.93 5.41 17.85
CA ARG C 406 23.25 4.50 16.94
C ARG C 406 21.86 5.03 16.58
N ARG C 407 21.15 5.61 17.56
CA ARG C 407 19.83 6.15 17.31
C ARG C 407 19.89 7.31 16.31
N GLN C 408 20.99 8.06 16.32
CA GLN C 408 21.08 9.19 15.41
C GLN C 408 21.47 8.76 14.02
N ALA C 409 22.38 7.81 13.91
CA ALA C 409 22.69 7.24 12.61
C ALA C 409 21.47 6.56 12.01
N LYS C 410 20.69 5.87 12.87
CA LYS C 410 19.44 5.28 12.44
C LYS C 410 18.48 6.34 11.89
N ALA C 411 18.44 7.51 12.53
CA ALA C 411 17.56 8.57 12.04
C ALA C 411 18.06 9.11 10.70
N VAL C 412 19.37 9.20 10.51
CA VAL C 412 19.90 9.56 9.19
C VAL C 412 19.48 8.52 8.16
N ASN C 413 19.64 7.25 8.48
CA ASN C 413 19.30 6.20 7.53
C ASN C 413 17.82 6.22 7.20
N PHE C 414 16.97 6.48 8.19
CA PHE C 414 15.55 6.53 7.90
C PHE C 414 15.22 7.78 7.09
N GLY C 415 15.96 8.87 7.33
CA GLY C 415 15.81 10.07 6.53
C GLY C 415 16.15 9.89 5.08
N ILE C 416 16.81 8.78 4.73
CA ILE C 416 17.08 8.49 3.32
C ILE C 416 15.99 7.57 2.78
N VAL C 417 15.79 6.43 3.45
CA VAL C 417 14.76 5.44 3.13
C VAL C 417 13.43 6.12 2.84
N TYR C 418 13.14 7.22 3.55
CA TYR C 418 11.86 7.91 3.43
C TYR C 418 11.97 9.27 2.75
N GLY C 419 13.16 9.76 2.44
CA GLY C 419 13.26 11.05 1.77
C GLY C 419 12.72 12.20 2.59
N ILE C 420 12.96 12.18 3.92
CA ILE C 420 12.52 13.30 4.76
C ILE C 420 13.55 14.42 4.70
N SER C 421 13.11 15.62 5.03
CA SER C 421 13.92 16.80 4.78
C SER C 421 15.04 16.97 5.78
N ASP C 422 16.15 17.54 5.29
CA ASP C 422 17.22 18.16 6.08
C ASP C 422 16.65 18.84 7.33
N TYR C 423 15.57 19.59 7.15
CA TYR C 423 14.83 20.16 8.25
C TYR C 423 14.17 19.09 9.11
N GLY C 424 13.56 18.08 8.47
CA GLY C 424 12.87 17.02 9.19
C GLY C 424 13.77 16.12 10.01
N LEU C 425 15.07 16.01 9.66
CA LEU C 425 16.02 15.31 10.51
C LEU C 425 16.22 16.07 11.82
N ALA C 426 16.52 17.36 11.72
CA ALA C 426 16.54 18.23 12.89
C ALA C 426 15.29 18.04 13.75
N GLN C 427 14.08 18.14 13.16
CA GLN C 427 12.88 17.93 13.97
C GLN C 427 12.92 16.54 14.57
N ASN C 428 13.50 15.60 13.84
CA ASN C 428 13.43 14.22 14.27
C ASN C 428 14.37 13.99 15.45
N LEU C 429 15.62 14.45 15.34
CA LEU C 429 16.61 14.29 16.39
C LEU C 429 16.45 15.32 17.50
N ASN C 430 15.42 16.15 17.42
CA ASN C 430 15.29 17.39 18.18
C ASN C 430 16.64 18.08 18.32
N ILE C 431 17.19 18.54 17.19
CA ILE C 431 18.42 19.32 17.17
C ILE C 431 18.22 20.53 16.27
N SER C 432 19.23 21.39 16.23
CA SER C 432 19.17 22.51 15.29
C SER C 432 19.44 22.01 13.87
N ARG C 433 19.00 22.81 12.88
CA ARG C 433 19.17 22.38 11.50
C ARG C 433 20.63 22.43 11.08
N LYS C 434 21.39 23.39 11.60
CA LYS C 434 22.82 23.41 11.30
C LYS C 434 23.52 22.22 11.94
N GLU C 435 22.99 21.73 13.04
CA GLU C 435 23.45 20.44 13.55
C GLU C 435 23.03 19.32 12.60
N ALA C 436 21.75 19.30 12.20
CA ALA C 436 21.27 18.25 11.32
C ALA C 436 22.02 18.25 9.99
N ALA C 437 22.21 19.43 9.39
CA ALA C 437 22.87 19.47 8.10
C ALA C 437 24.34 19.09 8.19
N GLU C 438 24.96 19.29 9.35
CA GLU C 438 26.33 18.87 9.53
C GLU C 438 26.45 17.37 9.76
N PHE C 439 25.41 16.76 10.33
CA PHE C 439 25.30 15.31 10.32
C PHE C 439 25.34 14.78 8.91
N ILE C 440 24.55 15.38 8.03
CA ILE C 440 24.39 14.90 6.67
C ILE C 440 25.70 15.03 5.91
N GLU C 441 26.44 16.11 6.12
CA GLU C 441 27.72 16.24 5.43
C GLU C 441 28.71 15.19 5.92
N ARG C 442 28.72 14.87 7.22
CA ARG C 442 29.58 13.79 7.66
C ARG C 442 29.14 12.45 7.06
N TYR C 443 27.83 12.24 6.90
CA TYR C 443 27.34 11.05 6.25
C TYR C 443 27.84 10.97 4.80
N PHE C 444 27.75 12.09 4.08
CA PHE C 444 28.17 12.08 2.69
C PHE C 444 29.68 11.92 2.55
N GLU C 445 30.45 12.36 3.56
CA GLU C 445 31.89 12.08 3.52
C GLU C 445 32.18 10.61 3.80
N SER C 446 31.31 9.94 4.56
CA SER C 446 31.45 8.52 4.78
C SER C 446 30.87 7.69 3.64
N PHE C 447 29.94 8.26 2.87
CA PHE C 447 29.27 7.56 1.79
C PHE C 447 29.25 8.44 0.54
N PRO C 448 30.42 8.66 -0.08
CA PRO C 448 30.46 9.59 -1.22
C PRO C 448 29.64 9.13 -2.40
N GLY C 449 29.42 7.82 -2.54
CA GLY C 449 28.57 7.34 -3.61
C GLY C 449 27.10 7.70 -3.43
N VAL C 450 26.62 7.64 -2.18
CA VAL C 450 25.25 8.08 -1.91
C VAL C 450 25.09 9.55 -2.29
N LYS C 451 26.06 10.38 -1.89
CA LYS C 451 26.04 11.79 -2.24
C LYS C 451 26.03 11.99 -3.75
N ARG C 452 26.94 11.32 -4.45
CA ARG C 452 26.96 11.39 -5.91
C ARG C 452 25.60 11.00 -6.48
N TYR C 453 25.01 9.94 -5.92
CA TYR C 453 23.71 9.50 -6.39
C TYR C 453 22.65 10.58 -6.15
N MET C 454 22.66 11.21 -4.97
CA MET C 454 21.63 12.20 -4.71
C MET C 454 21.76 13.39 -5.65
N GLU C 455 22.99 13.85 -5.89
CA GLU C 455 23.20 14.93 -6.84
C GLU C 455 22.76 14.51 -8.25
N ASN C 456 23.18 13.32 -8.68
CA ASN C 456 22.89 12.90 -10.04
C ASN C 456 21.42 12.67 -10.29
N ILE C 457 20.70 12.10 -9.31
CA ILE C 457 19.32 11.77 -9.58
C ILE C 457 18.49 13.05 -9.64
N VAL C 458 18.88 14.07 -8.89
CA VAL C 458 18.18 15.35 -8.93
C VAL C 458 18.40 16.02 -10.28
N GLN C 459 19.66 16.10 -10.74
CA GLN C 459 19.95 16.58 -12.10
C GLN C 459 19.18 15.77 -13.14
N GLU C 460 19.14 14.44 -12.99
CA GLU C 460 18.43 13.63 -13.97
C GLU C 460 16.95 13.97 -13.99
N ALA C 461 16.36 14.19 -12.81
CA ALA C 461 14.93 14.51 -12.75
C ALA C 461 14.63 15.84 -13.43
N LYS C 462 15.49 16.84 -13.25
CA LYS C 462 15.34 18.12 -13.93
C LYS C 462 15.52 17.96 -15.44
N GLN C 463 16.50 17.16 -15.85
CA GLN C 463 16.81 17.07 -17.27
C GLN C 463 15.73 16.29 -18.02
N LYS C 464 15.28 15.15 -17.47
CA LYS C 464 14.32 14.27 -18.13
C LYS C 464 12.88 14.61 -17.78
N GLY C 465 12.63 15.22 -16.63
CA GLY C 465 11.28 15.44 -16.17
C GLY C 465 10.72 14.35 -15.27
N TYR C 466 11.48 13.28 -15.00
CA TYR C 466 10.99 12.17 -14.19
C TYR C 466 12.17 11.32 -13.72
N VAL C 467 11.88 10.42 -12.78
CA VAL C 467 12.82 9.41 -12.32
C VAL C 467 12.19 8.03 -12.54
N THR C 468 13.05 7.02 -12.59
CA THR C 468 12.65 5.65 -12.86
C THR C 468 13.17 4.71 -11.78
N THR C 469 12.51 3.57 -11.65
CA THR C 469 12.91 2.49 -10.76
C THR C 469 13.65 1.41 -11.54
N LEU C 470 14.19 0.45 -10.79
CA LEU C 470 14.82 -0.73 -11.38
C LEU C 470 14.02 -1.37 -12.53
N LEU C 471 12.71 -1.52 -12.36
CA LEU C 471 11.89 -2.17 -13.37
C LEU C 471 11.15 -1.18 -14.26
N HIS C 472 11.58 0.09 -14.29
CA HIS C 472 11.17 1.12 -15.26
C HIS C 472 9.83 1.76 -14.92
N ARG C 473 9.38 1.66 -13.69
CA ARG C 473 8.32 2.53 -13.22
C ARG C 473 8.82 3.98 -13.27
N ARG C 474 7.93 4.94 -13.52
CA ARG C 474 8.38 6.31 -13.53
C ARG C 474 7.45 7.21 -12.74
N ARG C 475 8.03 8.28 -12.20
CA ARG C 475 7.30 9.31 -11.48
C ARG C 475 7.72 10.66 -12.05
N TYR C 476 6.77 11.38 -12.62
CA TYR C 476 7.07 12.70 -13.14
C TYR C 476 7.13 13.69 -11.99
N LEU C 477 8.09 14.61 -12.08
CA LEU C 477 8.35 15.57 -11.01
C LEU C 477 8.38 16.96 -11.61
N PRO C 478 7.22 17.50 -12.02
CA PRO C 478 7.20 18.84 -12.61
C PRO C 478 7.55 19.96 -11.62
N ASP C 479 7.32 19.75 -10.32
CA ASP C 479 7.68 20.76 -9.32
C ASP C 479 9.18 20.86 -9.10
N ILE C 480 9.98 20.12 -9.87
CA ILE C 480 11.43 20.16 -9.73
C ILE C 480 12.04 21.51 -10.17
N THR C 481 11.33 22.29 -10.99
CA THR C 481 11.82 23.58 -11.44
C THR C 481 11.18 24.74 -10.70
N SER C 482 10.28 24.47 -9.76
CA SER C 482 9.54 25.52 -9.06
C SER C 482 10.49 26.52 -8.39
N ARG C 483 10.08 27.79 -8.41
CA ARG C 483 10.81 28.79 -7.67
C ARG C 483 10.45 28.82 -6.18
N ASN C 484 9.36 28.16 -5.79
CA ASN C 484 8.99 28.04 -4.40
C ASN C 484 9.88 26.98 -3.75
N PHE C 485 10.69 27.40 -2.78
CA PHE C 485 11.71 26.54 -2.22
C PHE C 485 11.10 25.29 -1.57
N ASN C 486 10.02 25.46 -0.81
CA ASN C 486 9.40 24.32 -0.15
C ASN C 486 8.89 23.31 -1.17
N VAL C 487 8.37 23.82 -2.29
CA VAL C 487 7.82 22.93 -3.31
C VAL C 487 8.94 22.23 -4.07
N ARG C 488 9.99 22.97 -4.44
CA ARG C 488 11.11 22.35 -5.14
C ARG C 488 11.80 21.30 -4.29
N SER C 489 11.97 21.58 -3.00
CA SER C 489 12.70 20.66 -2.15
C SER C 489 12.01 19.32 -2.09
N PHE C 490 10.69 19.32 -1.91
CA PHE C 490 9.95 18.06 -1.90
C PHE C 490 10.15 17.30 -3.19
N ALA C 491 10.08 18.01 -4.33
CA ALA C 491 10.29 17.35 -5.61
C ALA C 491 11.70 16.78 -5.66
N GLU C 492 12.65 17.50 -5.08
CA GLU C 492 14.02 16.99 -5.07
C GLU C 492 14.13 15.74 -4.21
N ARG C 493 13.47 15.74 -3.05
CA ARG C 493 13.49 14.59 -2.17
C ARG C 493 12.81 13.40 -2.81
N MET C 494 11.75 13.64 -3.60
CA MET C 494 11.09 12.55 -4.30
C MET C 494 11.95 12.05 -5.44
N ALA C 495 12.71 12.94 -6.08
CA ALA C 495 13.68 12.45 -7.04
C ALA C 495 14.63 11.47 -6.38
N MET C 496 15.05 11.76 -5.14
CA MET C 496 15.99 10.88 -4.47
C MET C 496 15.29 9.63 -3.97
N ASN C 497 14.13 9.78 -3.35
CA ASN C 497 13.48 8.67 -2.66
C ASN C 497 12.80 7.69 -3.61
N THR C 498 12.20 8.17 -4.70
CA THR C 498 11.35 7.30 -5.49
C THR C 498 12.09 6.13 -6.13
N PRO C 499 13.26 6.31 -6.75
CA PRO C 499 13.99 5.12 -7.24
C PRO C 499 14.33 4.13 -6.15
N ILE C 500 14.36 4.57 -4.89
CA ILE C 500 14.65 3.65 -3.79
C ILE C 500 13.39 2.90 -3.40
N GLN C 501 12.37 3.63 -2.94
CA GLN C 501 11.16 2.97 -2.47
C GLN C 501 10.48 2.22 -3.60
N GLY C 502 10.50 2.79 -4.81
CA GLY C 502 9.85 2.13 -5.93
C GLY C 502 10.57 0.91 -6.44
N SER C 503 11.90 0.92 -6.41
CA SER C 503 12.63 -0.29 -6.73
C SER C 503 12.36 -1.37 -5.70
N ALA C 504 12.31 -1.00 -4.41
CA ALA C 504 11.97 -1.99 -3.39
C ALA C 504 10.58 -2.56 -3.63
N ALA C 505 9.65 -1.71 -4.04
CA ALA C 505 8.31 -2.17 -4.37
C ALA C 505 8.34 -3.10 -5.58
N ASP C 506 9.16 -2.78 -6.59
CA ASP C 506 9.26 -3.67 -7.74
C ASP C 506 9.74 -5.04 -7.32
N ILE C 507 10.72 -5.09 -6.41
CA ILE C 507 11.33 -6.35 -6.03
C ILE C 507 10.33 -7.20 -5.27
N ILE C 508 9.60 -6.58 -4.34
CA ILE C 508 8.59 -7.32 -3.57
C ILE C 508 7.51 -7.89 -4.51
N LYS C 509 7.06 -7.10 -5.50
CA LYS C 509 6.05 -7.57 -6.44
C LYS C 509 6.56 -8.74 -7.25
N LYS C 510 7.80 -8.66 -7.74
CA LYS C 510 8.39 -9.78 -8.45
C LYS C 510 8.49 -11.00 -7.54
N ALA C 511 8.91 -10.82 -6.28
CA ALA C 511 8.96 -11.93 -5.34
C ALA C 511 7.58 -12.57 -5.19
N MET C 512 6.53 -11.74 -5.13
CA MET C 512 5.19 -12.29 -4.99
C MET C 512 4.83 -13.14 -6.20
N ILE C 513 5.15 -12.67 -7.41
CA ILE C 513 4.88 -13.48 -8.59
C ILE C 513 5.69 -14.77 -8.56
N ASP C 514 7.00 -14.66 -8.26
CA ASP C 514 7.87 -15.83 -8.22
C ASP C 514 7.43 -16.83 -7.16
N LEU C 515 6.97 -16.34 -6.01
CA LEU C 515 6.53 -17.23 -4.94
C LEU C 515 5.27 -17.99 -5.35
N ASN C 516 4.28 -17.26 -5.86
CA ASN C 516 3.04 -17.88 -6.30
C ASN C 516 3.30 -19.00 -7.32
N ALA C 517 4.24 -18.78 -8.24
CA ALA C 517 4.56 -19.84 -9.19
C ALA C 517 5.26 -21.02 -8.50
N ARG C 518 6.17 -20.73 -7.56
CA ARG C 518 6.89 -21.80 -6.89
C ARG C 518 5.96 -22.64 -6.02
N LEU C 519 5.03 -21.99 -5.32
CA LEU C 519 4.10 -22.72 -4.46
C LEU C 519 3.32 -23.73 -5.27
N LYS C 520 2.89 -23.35 -6.48
CA LYS C 520 2.09 -24.25 -7.31
C LYS C 520 2.97 -25.37 -7.86
N GLU C 521 4.16 -25.04 -8.36
CA GLU C 521 5.17 -26.03 -8.72
C GLU C 521 5.42 -27.05 -7.61
N GLU C 522 5.47 -26.59 -6.35
CA GLU C 522 5.76 -27.49 -5.24
C GLU C 522 4.53 -28.21 -4.71
N ARG C 523 3.36 -27.97 -5.30
CA ARG C 523 2.12 -28.58 -4.86
C ARG C 523 1.86 -28.31 -3.37
N LEU C 524 2.28 -27.14 -2.89
CA LEU C 524 2.02 -26.77 -1.50
C LEU C 524 0.61 -26.20 -1.36
N GLN C 525 0.04 -26.38 -0.17
CA GLN C 525 -1.23 -25.76 0.16
C GLN C 525 -1.07 -24.37 0.76
N ALA C 526 0.15 -23.93 0.99
CA ALA C 526 0.38 -22.58 1.50
C ALA C 526 -0.26 -21.55 0.58
N ARG C 527 -0.85 -20.51 1.19
CA ARG C 527 -1.44 -19.42 0.42
C ARG C 527 -0.94 -18.08 0.93
N LEU C 528 -0.50 -17.25 -0.01
CA LEU C 528 -0.31 -15.83 0.25
C LEU C 528 -1.58 -15.22 0.83
N LEU C 529 -1.42 -14.50 1.94
CA LEU C 529 -2.52 -13.73 2.51
C LEU C 529 -2.34 -12.23 2.38
N LEU C 530 -1.13 -11.73 2.67
CA LEU C 530 -0.88 -10.30 2.86
C LEU C 530 0.51 -9.91 2.40
N GLN C 531 0.59 -8.76 1.77
CA GLN C 531 1.87 -8.09 1.56
C GLN C 531 1.76 -6.75 2.28
N VAL C 532 2.73 -6.47 3.13
CA VAL C 532 2.72 -5.25 3.92
C VAL C 532 4.16 -4.78 4.06
N HIS C 533 4.43 -3.56 3.60
CA HIS C 533 5.77 -2.98 3.46
C HIS C 533 6.74 -3.91 2.75
N ASP C 534 7.63 -4.53 3.54
CA ASP C 534 8.65 -5.40 3.02
C ASP C 534 8.43 -6.84 3.46
N GLU C 535 7.21 -7.15 3.89
CA GLU C 535 6.83 -8.44 4.46
C GLU C 535 5.81 -9.15 3.57
N LEU C 536 5.92 -10.48 3.48
CA LEU C 536 4.88 -11.35 2.95
C LEU C 536 4.38 -12.26 4.06
N ILE C 537 3.06 -12.34 4.22
CA ILE C 537 2.46 -13.23 5.21
C ILE C 537 1.65 -14.31 4.51
N LEU C 538 1.89 -15.57 4.91
CA LEU C 538 1.20 -16.73 4.38
C LEU C 538 0.55 -17.50 5.52
N GLU C 539 -0.40 -18.34 5.16
CA GLU C 539 -0.84 -19.40 6.07
C GLU C 539 -0.65 -20.72 5.35
N ALA C 540 -0.33 -21.76 6.10
CA ALA C 540 -0.10 -23.07 5.53
C ALA C 540 -0.28 -24.12 6.60
N PRO C 541 -0.55 -25.38 6.21
CA PRO C 541 -0.58 -26.46 7.20
C PRO C 541 0.71 -26.52 7.99
N LYS C 542 0.57 -26.79 9.29
CA LYS C 542 1.65 -27.16 10.20
C LYS C 542 2.72 -27.97 9.47
N GLU C 543 2.29 -28.99 8.72
CA GLU C 543 3.20 -29.89 8.01
C GLU C 543 4.06 -29.20 6.96
N GLU C 544 3.75 -27.95 6.58
CA GLU C 544 4.47 -27.31 5.51
C GLU C 544 5.49 -26.29 5.99
N MET C 545 5.58 -26.06 7.31
CA MET C 545 6.43 -24.98 7.79
C MET C 545 7.89 -25.18 7.38
N GLU C 546 8.38 -26.42 7.47
CA GLU C 546 9.81 -26.66 7.25
C GLU C 546 10.18 -26.42 5.80
N ARG C 547 9.36 -26.90 4.86
CA ARG C 547 9.61 -26.61 3.45
C ARG C 547 9.53 -25.11 3.18
N LEU C 548 8.58 -24.42 3.81
CA LEU C 548 8.44 -22.98 3.59
C LEU C 548 9.63 -22.20 4.15
N CYS C 549 10.19 -22.68 5.29
CA CYS C 549 11.39 -22.08 5.86
C CYS C 549 12.55 -22.06 4.86
N ARG C 550 12.56 -22.97 3.92
CA ARG C 550 13.61 -22.98 2.92
C ARG C 550 13.19 -22.32 1.63
N LEU C 551 11.91 -22.43 1.29
CA LEU C 551 11.43 -22.00 -0.02
C LEU C 551 11.24 -20.48 -0.05
N VAL C 552 10.42 -19.95 0.87
CA VAL C 552 10.04 -18.54 0.80
C VAL C 552 11.24 -17.61 0.83
N PRO C 553 12.20 -17.72 1.77
CA PRO C 553 13.35 -16.82 1.75
C PRO C 553 14.19 -16.94 0.49
N GLU C 554 14.40 -18.17 0.03
CA GLU C 554 15.08 -18.39 -1.25
C GLU C 554 14.41 -17.63 -2.39
N VAL C 555 13.08 -17.69 -2.47
CA VAL C 555 12.38 -17.03 -3.58
C VAL C 555 12.53 -15.52 -3.47
N MET C 556 12.34 -14.98 -2.26
CA MET C 556 12.45 -13.55 -2.01
C MET C 556 13.87 -13.03 -2.23
N GLU C 557 14.88 -13.81 -1.84
CA GLU C 557 16.26 -13.37 -1.99
C GLU C 557 16.72 -13.43 -3.43
N GLN C 558 16.07 -14.23 -4.26
CA GLN C 558 16.49 -14.40 -5.64
C GLN C 558 15.63 -13.60 -6.60
N ALA C 559 14.63 -12.87 -6.08
CA ALA C 559 13.71 -12.12 -6.94
C ALA C 559 14.45 -11.30 -7.97
N VAL C 560 15.46 -10.53 -7.53
CA VAL C 560 16.39 -9.86 -8.43
C VAL C 560 17.80 -10.12 -7.94
N THR C 561 18.78 -9.84 -8.79
CA THR C 561 20.17 -9.87 -8.38
C THR C 561 20.69 -8.44 -8.38
N LEU C 562 21.12 -7.97 -7.21
CA LEU C 562 21.78 -6.68 -7.04
C LEU C 562 23.26 -6.88 -6.73
N ARG C 563 23.98 -5.76 -6.65
CA ARG C 563 25.40 -5.79 -6.30
C ARG C 563 25.64 -6.17 -4.85
N VAL C 564 24.59 -6.22 -4.04
CA VAL C 564 24.63 -6.68 -2.66
C VAL C 564 23.56 -7.74 -2.48
N PRO C 565 23.72 -8.66 -1.54
CA PRO C 565 22.68 -9.69 -1.35
C PRO C 565 21.42 -9.09 -0.78
N LEU C 566 20.32 -9.79 -1.00
CA LEU C 566 19.08 -9.50 -0.32
C LEU C 566 18.97 -10.46 0.86
N LYS C 567 18.50 -9.95 2.00
CA LYS C 567 18.38 -10.74 3.22
C LYS C 567 16.93 -10.78 3.64
N VAL C 568 16.44 -11.97 3.95
CA VAL C 568 15.07 -12.18 4.38
C VAL C 568 15.09 -12.79 5.76
N ASP C 569 14.30 -12.22 6.66
CA ASP C 569 14.01 -12.85 7.94
C ASP C 569 12.61 -13.43 7.88
N TYR C 570 12.39 -14.49 8.66
CA TYR C 570 11.15 -15.23 8.54
C TYR C 570 10.86 -15.91 9.86
N HIS C 571 9.57 -16.03 10.17
CA HIS C 571 9.12 -16.68 11.40
C HIS C 571 7.76 -17.29 11.13
N TYR C 572 7.32 -18.15 12.04
CA TYR C 572 5.97 -18.65 11.95
C TYR C 572 5.42 -18.88 13.34
N GLY C 573 4.11 -18.99 13.42
CA GLY C 573 3.46 -19.11 14.71
C GLY C 573 1.98 -19.29 14.52
N SER C 574 1.30 -19.47 15.64
CA SER C 574 -0.12 -19.76 15.62
C SER C 574 -0.96 -18.51 15.41
N THR C 575 -0.34 -17.33 15.46
CA THR C 575 -0.96 -16.05 15.11
C THR C 575 0.08 -15.20 14.40
N TRP C 576 -0.39 -14.13 13.75
CA TRP C 576 0.50 -13.13 13.16
C TRP C 576 1.49 -12.58 14.19
N TYR C 577 1.00 -12.27 15.38
CA TYR C 577 1.87 -11.77 16.44
C TYR C 577 3.01 -12.75 16.73
N ASP C 578 2.69 -14.04 16.83
CA ASP C 578 3.68 -15.05 17.18
C ASP C 578 4.62 -15.37 16.03
N ALA C 579 4.34 -14.92 14.81
CA ALA C 579 5.26 -15.16 13.70
C ALA C 579 6.36 -14.10 13.75
N LYS C 580 7.07 -14.11 14.89
CA LYS C 580 8.05 -13.11 15.33
C LYS C 580 9.34 -13.78 15.81
S SO4 D . 16.78 -1.76 14.91
O1 SO4 D . 16.32 -2.71 15.91
O2 SO4 D . 15.74 -1.52 13.91
O3 SO4 D . 17.13 -0.51 15.59
O4 SO4 D . 17.95 -2.27 14.21
S SO4 E . 17.68 26.08 14.61
O1 SO4 E . 16.40 25.55 15.06
O2 SO4 E . 18.27 25.20 13.61
O3 SO4 E . 17.46 27.40 14.01
O4 SO4 E . 18.59 26.22 15.75
S SO4 F . 15.71 -5.07 10.12
O1 SO4 F . 14.31 -5.21 10.55
O2 SO4 F . 15.98 -6.01 9.04
O3 SO4 F . 15.92 -3.70 9.66
O4 SO4 F . 16.62 -5.36 11.23
N1 DCP G . 7.00 0.66 8.52
C2 DCP G . 6.40 0.66 7.14
N3 DCP G . 6.08 1.95 6.48
C4 DCP G . 6.35 3.20 7.16
C5 DCP G . 6.95 3.22 8.52
C6 DCP G . 7.27 1.94 9.20
O2 DCP G . 6.16 -0.33 6.54
N4 DCP G . 6.03 4.43 6.47
C1' DCP G . 7.31 -0.61 9.17
C2' DCP G . 7.32 -0.57 10.49
C3' DCP G . 6.72 -1.99 11.00
C4' DCP G . 6.07 -2.63 9.98
O4' DCP G . 6.16 -1.65 8.83
O3' DCP G . 7.72 -2.83 11.59
C5' DCP G . 4.60 -2.91 10.34
O5' DCP G . 3.84 -3.44 9.28
#